data_6UR3
#
_entry.id   6UR3
#
_cell.length_a   44.731
_cell.length_b   71.460
_cell.length_c   104.763
_cell.angle_alpha   90.000
_cell.angle_beta   90.000
_cell.angle_gamma   90.000
#
_symmetry.space_group_name_H-M   'P 21 21 21'
#
loop_
_entity.id
_entity.type
_entity.pdbx_description
1 polymer Beta-lactamase
2 non-polymer '2-hydroxyethyl hydrogen phenylboronate'
3 non-polymer 1,2-ETHANEDIOL
4 non-polymer 'CHLORIDE ION'
5 water water
#
_entity_poly.entity_id   1
_entity_poly.type   'polypeptide(L)'
_entity_poly.pdbx_seq_one_letter_code
;GSKLGEAPADRLKALVDAAVQPVMKANDIPGLAVAISLKGEPHYFSYGLASKEDGRRVTPETLFEIGSVSKTFTATLAGY
ALTQDKMRLDDRASQHWPALQGSRFDGISLLDLATYTAGGLPLQFPDSVQKDQAQIRDYYRQWQPTYAPGSQRLYSNPSI
GLFGYLAARSLGQPFERLMEQQVFPALGLEQTHLDVPEAALAQYAQGYGKDDRPLRVGPGPLDAEGYGVKTSAADLLRFV
DANLHPERLDRPWAQALDATHRGYYKVGDMTQGLGWEAYDWPISLKRLQAGNSTPMALQPHRIARLPAPQALEGQRLLNK
TGSTNGFGAYVAFVPGRDLGLVILANRNYPNAERVKIAYAILSGLEQQGKVPLKA
;
_entity_poly.pdbx_strand_id   A
#
# COMPACT_ATOMS: atom_id res chain seq x y z
N GLY A 5 34.82 -0.80 -11.99
CA GLY A 5 34.41 -0.44 -13.39
C GLY A 5 33.05 0.23 -13.49
N GLU A 6 32.71 0.70 -14.69
CA GLU A 6 31.41 1.35 -14.95
C GLU A 6 30.36 0.34 -15.43
N ALA A 7 30.77 -0.91 -15.66
CA ALA A 7 29.87 -1.90 -16.24
C ALA A 7 28.60 -2.16 -15.39
N PRO A 8 28.72 -2.31 -14.05
CA PRO A 8 27.57 -2.56 -13.19
C PRO A 8 26.54 -1.43 -13.22
N ALA A 9 27.01 -0.20 -13.11
CA ALA A 9 26.08 0.96 -13.20
C ALA A 9 25.50 1.08 -14.60
N ASP A 10 26.30 0.89 -15.63
CA ASP A 10 25.79 0.90 -17.00
C ASP A 10 24.77 -0.22 -17.20
N ARG A 11 25.08 -1.40 -16.66
CA ARG A 11 24.18 -2.57 -16.80
C ARG A 11 22.86 -2.29 -16.09
N LEU A 12 22.92 -1.75 -14.89
CA LEU A 12 21.70 -1.48 -14.14
C LEU A 12 20.86 -0.42 -14.84
N LYS A 13 21.48 0.67 -15.28
CA LYS A 13 20.72 1.65 -16.06
C LYS A 13 20.11 1.04 -17.32
N ALA A 14 20.88 0.25 -18.06
CA ALA A 14 20.37 -0.38 -19.26
C ALA A 14 19.17 -1.27 -18.98
N LEU A 15 19.26 -2.03 -17.90
CA LEU A 15 18.18 -2.95 -17.51
C LEU A 15 16.93 -2.16 -17.12
N VAL A 16 17.09 -1.16 -16.28
CA VAL A 16 15.94 -0.37 -15.84
C VAL A 16 15.34 0.41 -17.02
N ASP A 17 16.17 1.05 -17.87
CA ASP A 17 15.63 1.70 -19.07
C ASP A 17 14.85 0.74 -19.96
N ALA A 18 15.39 -0.46 -20.14
CA ALA A 18 14.77 -1.43 -21.05
C ALA A 18 13.43 -1.93 -20.49
N ALA A 19 13.33 -1.97 -19.18
CA ALA A 19 12.09 -2.38 -18.51
C ALA A 19 11.06 -1.26 -18.56
N VAL A 20 11.51 -0.03 -18.30
CA VAL A 20 10.60 1.09 -18.13
C VAL A 20 10.14 1.75 -19.40
N GLN A 21 11.08 2.05 -20.29
CA GLN A 21 10.78 2.90 -21.42
C GLN A 21 9.66 2.37 -22.33
N PRO A 22 9.70 1.06 -22.69
CA PRO A 22 8.58 0.61 -23.56
C PRO A 22 7.23 0.66 -22.84
N VAL A 23 7.21 0.41 -21.52
CA VAL A 23 5.95 0.45 -20.80
C VAL A 23 5.45 1.89 -20.65
N MET A 24 6.36 2.85 -20.41
CA MET A 24 5.92 4.26 -20.45
C MET A 24 5.35 4.70 -21.78
N LYS A 25 6.01 4.29 -22.87
CA LYS A 25 5.49 4.66 -24.18
C LYS A 25 4.16 4.02 -24.42
N ALA A 26 4.07 2.73 -24.12
CA ALA A 26 2.87 1.98 -24.38
C ALA A 26 1.63 2.42 -23.59
N ASN A 27 1.85 3.00 -22.41
CA ASN A 27 0.77 3.46 -21.58
C ASN A 27 0.70 5.00 -21.48
N ASP A 28 1.46 5.68 -22.36
CA ASP A 28 1.55 7.16 -22.45
C ASP A 28 1.72 7.77 -21.06
N ILE A 29 2.68 7.25 -20.32
CA ILE A 29 2.89 7.72 -18.94
C ILE A 29 3.75 8.97 -19.02
N PRO A 30 3.28 10.10 -18.45
CA PRO A 30 4.13 11.29 -18.60
C PRO A 30 5.42 11.25 -17.80
N GLY A 31 5.34 10.76 -16.56
CA GLY A 31 6.49 10.73 -15.68
C GLY A 31 6.49 9.50 -14.77
N LEU A 32 7.66 8.99 -14.47
CA LEU A 32 7.79 7.76 -13.72
C LEU A 32 9.11 7.72 -12.99
N ALA A 33 9.05 7.41 -11.70
CA ALA A 33 10.23 7.26 -10.88
C ALA A 33 10.40 5.82 -10.41
N VAL A 34 11.63 5.30 -10.53
CA VAL A 34 11.99 4.01 -10.00
C VAL A 34 13.04 4.19 -8.92
N ALA A 35 12.88 3.44 -7.85
CA ALA A 35 13.93 3.34 -6.85
C ALA A 35 14.12 1.88 -6.54
N ILE A 36 15.38 1.46 -6.43
CA ILE A 36 15.76 0.09 -6.20
C ILE A 36 16.73 0.02 -5.01
N SER A 37 16.46 -0.86 -4.07
CA SER A 37 17.43 -1.16 -3.02
C SER A 37 18.05 -2.50 -3.36
N LEU A 38 19.37 -2.50 -3.53
CA LEU A 38 20.11 -3.67 -4.02
C LEU A 38 21.39 -3.73 -3.25
N LYS A 39 21.64 -4.85 -2.60
CA LYS A 39 22.90 -5.08 -1.85
C LYS A 39 23.19 -3.92 -0.86
N GLY A 40 22.13 -3.45 -0.21
CA GLY A 40 22.20 -2.38 0.78
C GLY A 40 22.42 -0.96 0.28
N GLU A 41 22.23 -0.73 -1.01
CA GLU A 41 22.44 0.59 -1.60
C GLU A 41 21.22 0.98 -2.40
N PRO A 42 20.80 2.25 -2.31
CA PRO A 42 19.70 2.76 -3.12
C PRO A 42 20.14 3.20 -4.52
N HIS A 43 19.27 3.02 -5.50
CA HIS A 43 19.55 3.42 -6.87
C HIS A 43 18.30 4.03 -7.39
N TYR A 44 18.41 5.20 -8.00
CA TYR A 44 17.24 5.92 -8.53
C TYR A 44 17.29 6.13 -10.00
N PHE A 45 16.15 6.02 -10.67
CA PHE A 45 16.04 6.22 -12.09
C PHE A 45 14.80 7.02 -12.32
N SER A 46 14.91 8.18 -12.94
CA SER A 46 13.79 9.10 -13.12
C SER A 46 13.52 9.34 -14.59
N TYR A 47 12.25 9.35 -14.99
CA TYR A 47 11.84 9.44 -16.38
C TYR A 47 10.74 10.44 -16.58
N GLY A 48 10.88 11.27 -17.62
CA GLY A 48 9.81 12.08 -18.05
C GLY A 48 9.46 13.23 -17.12
N LEU A 49 8.18 13.61 -17.22
CA LEU A 49 7.70 14.87 -16.68
C LEU A 49 6.75 14.69 -15.51
N ALA A 50 6.99 15.44 -14.45
CA ALA A 50 6.05 15.55 -13.34
C ALA A 50 4.83 16.36 -13.72
N SER A 51 5.04 17.39 -14.55
CA SER A 51 3.97 18.19 -15.13
C SER A 51 4.29 18.47 -16.58
N LYS A 52 3.39 18.04 -17.46
CA LYS A 52 3.53 18.30 -18.91
C LYS A 52 3.45 19.77 -19.22
N GLU A 53 2.69 20.51 -18.43
CA GLU A 53 2.37 21.90 -18.74
C GLU A 53 3.49 22.85 -18.38
N ASP A 54 4.15 22.63 -17.24
CA ASP A 54 5.24 23.52 -16.83
C ASP A 54 6.62 22.92 -17.09
N GLY A 55 6.68 21.67 -17.55
CA GLY A 55 7.93 21.02 -17.89
C GLY A 55 8.79 20.55 -16.75
N ARG A 56 8.24 20.50 -15.53
CA ARG A 56 8.99 20.03 -14.36
C ARG A 56 9.29 18.53 -14.60
N ARG A 57 10.54 18.15 -14.47
CA ARG A 57 10.98 16.76 -14.66
C ARG A 57 10.77 15.97 -13.37
N VAL A 58 10.52 14.66 -13.53
CA VAL A 58 10.54 13.73 -12.38
C VAL A 58 11.96 13.63 -11.82
N THR A 59 12.05 13.64 -10.50
CA THR A 59 13.26 13.35 -9.77
C THR A 59 12.92 12.36 -8.66
N PRO A 60 13.92 11.86 -7.93
CA PRO A 60 13.64 10.96 -6.82
C PRO A 60 12.94 11.64 -5.64
N GLU A 61 12.83 12.96 -5.68
CA GLU A 61 12.11 13.75 -4.67
C GLU A 61 10.73 14.19 -5.10
N THR A 62 10.35 13.94 -6.36
CA THR A 62 9.02 14.27 -6.79
C THR A 62 7.99 13.51 -5.94
N LEU A 63 6.91 14.18 -5.56
CA LEU A 63 5.85 13.52 -4.79
C LEU A 63 4.81 12.99 -5.73
N PHE A 64 4.49 11.70 -5.56
CA PHE A 64 3.40 11.04 -6.27
C PHE A 64 2.35 10.58 -5.25
N GLU A 65 1.11 10.53 -5.71
CA GLU A 65 0.07 9.81 -4.97
C GLU A 65 0.35 8.32 -5.10
N ILE A 66 0.32 7.59 -3.97
CA ILE A 66 0.57 6.15 -4.01
C ILE A 66 -0.70 5.35 -3.77
N GLY A 67 -1.86 6.01 -3.63
CA GLY A 67 -3.10 5.29 -3.49
C GLY A 67 -3.08 4.21 -2.42
N SER A 68 -3.55 3.03 -2.75
CA SER A 68 -3.65 1.93 -1.79
C SER A 68 -2.32 1.39 -1.28
N VAL A 69 -1.15 1.81 -1.80
CA VAL A 69 0.09 1.49 -1.09
C VAL A 69 0.01 2.12 0.30
N SER A 70 -0.78 3.17 0.47
CA SER A 70 -1.04 3.77 1.79
C SER A 70 -1.49 2.76 2.84
N LYS A 71 -2.15 1.69 2.42
CA LYS A 71 -2.66 0.65 3.31
CA LYS A 71 -2.63 0.67 3.33
C LYS A 71 -1.52 -0.03 4.07
N THR A 72 -0.32 -0.05 3.49
CA THR A 72 0.84 -0.65 4.20
C THR A 72 1.29 0.27 5.31
N PHE A 73 1.19 1.58 5.15
CA PHE A 73 1.44 2.52 6.25
C PHE A 73 0.37 2.37 7.31
N THR A 74 -0.89 2.30 6.90
CA THR A 74 -1.98 2.07 7.84
C THR A 74 -1.76 0.80 8.65
N ALA A 75 -1.33 -0.27 7.97
CA ALA A 75 -1.04 -1.51 8.66
C ALA A 75 0.09 -1.38 9.68
N THR A 76 1.07 -0.52 9.38
CA THR A 76 2.21 -0.29 10.28
C THR A 76 1.71 0.41 11.54
N LEU A 77 0.83 1.38 11.41
CA LEU A 77 0.24 2.02 12.59
CA LEU A 77 0.23 2.03 12.58
C LEU A 77 -0.56 1.01 13.40
N ALA A 78 -1.34 0.18 12.73
CA ALA A 78 -2.07 -0.88 13.43
C ALA A 78 -1.11 -1.85 14.12
N GLY A 79 -0.01 -2.16 13.45
CA GLY A 79 1.04 -3.01 14.03
C GLY A 79 1.53 -2.44 15.34
N TYR A 80 1.75 -1.14 15.36
CA TYR A 80 2.15 -0.42 16.58
C TYR A 80 1.08 -0.60 17.64
N ALA A 81 -0.19 -0.30 17.35
CA ALA A 81 -1.27 -0.47 18.35
C ALA A 81 -1.30 -1.90 18.89
N LEU A 82 -1.11 -2.88 18.02
CA LEU A 82 -1.21 -4.31 18.39
C LEU A 82 -0.10 -4.75 19.30
N THR A 83 1.14 -4.35 19.00
CA THR A 83 2.31 -4.84 19.70
C THR A 83 2.57 -3.99 20.94
N GLN A 84 1.83 -2.89 21.06
CA GLN A 84 1.68 -2.13 22.30
C GLN A 84 0.44 -2.51 23.18
N ASP A 85 -0.26 -3.58 22.82
CA ASP A 85 -1.43 -4.10 23.58
C ASP A 85 -2.58 -3.12 23.77
N LYS A 86 -2.81 -2.25 22.79
CA LYS A 86 -3.94 -1.37 22.80
C LYS A 86 -5.13 -2.01 22.09
N MET A 87 -4.83 -3.02 21.29
CA MET A 87 -5.85 -3.80 20.61
C MET A 87 -5.27 -5.16 20.29
N ARG A 88 -6.16 -6.07 19.93
CA ARG A 88 -5.81 -7.41 19.48
C ARG A 88 -6.57 -7.73 18.20
N LEU A 89 -5.97 -8.59 17.38
CA LEU A 89 -6.59 -8.89 16.07
C LEU A 89 -7.93 -9.60 16.19
N ASP A 90 -8.13 -10.34 17.26
CA ASP A 90 -9.42 -10.99 17.51
C ASP A 90 -10.44 -10.16 18.29
N ASP A 91 -10.13 -8.91 18.62
CA ASP A 91 -11.12 -7.99 19.18
C ASP A 91 -12.29 -7.79 18.21
N ARG A 92 -13.50 -7.66 18.73
CA ARG A 92 -14.63 -7.19 17.94
C ARG A 92 -14.44 -5.72 17.60
N ALA A 93 -14.83 -5.32 16.40
CA ALA A 93 -14.62 -3.95 15.96
C ALA A 93 -15.29 -2.92 16.86
N SER A 94 -16.49 -3.26 17.35
CA SER A 94 -17.24 -2.32 18.18
C SER A 94 -16.60 -2.07 19.55
N GLN A 95 -15.64 -2.90 19.96
CA GLN A 95 -14.89 -2.65 21.20
CA GLN A 95 -14.86 -2.67 21.19
C GLN A 95 -14.17 -1.32 21.14
N HIS A 96 -13.87 -0.83 19.92
CA HIS A 96 -13.07 0.35 19.77
C HIS A 96 -13.76 1.59 19.28
N TRP A 97 -15.07 1.54 19.10
CA TRP A 97 -15.86 2.70 18.74
C TRP A 97 -17.28 2.49 19.25
N PRO A 98 -17.68 3.20 20.32
CA PRO A 98 -19.02 2.98 20.89
C PRO A 98 -20.16 3.15 19.93
N ALA A 99 -20.01 4.04 18.96
CA ALA A 99 -21.02 4.25 17.95
C ALA A 99 -21.41 2.98 17.21
N LEU A 100 -20.48 2.02 17.13
CA LEU A 100 -20.74 0.75 16.45
C LEU A 100 -21.32 -0.33 17.33
N GLN A 101 -21.42 -0.07 18.64
CA GLN A 101 -22.08 -1.03 19.52
C GLN A 101 -23.54 -1.16 19.15
N GLY A 102 -24.00 -2.42 19.09
CA GLY A 102 -25.34 -2.73 18.63
C GLY A 102 -25.47 -2.99 17.14
N SER A 103 -24.42 -2.64 16.38
CA SER A 103 -24.39 -2.92 14.94
C SER A 103 -23.82 -4.29 14.66
N ARG A 104 -23.76 -4.63 13.36
CA ARG A 104 -23.17 -5.90 12.97
C ARG A 104 -21.67 -5.98 13.27
N PHE A 105 -21.04 -4.82 13.51
CA PHE A 105 -19.63 -4.82 13.93
C PHE A 105 -19.36 -5.38 15.31
N ASP A 106 -20.42 -5.70 16.06
CA ASP A 106 -20.26 -6.51 17.25
C ASP A 106 -19.70 -7.91 16.97
N GLY A 107 -19.93 -8.43 15.76
CA GLY A 107 -19.52 -9.76 15.37
C GLY A 107 -18.48 -9.85 14.27
N ILE A 108 -17.71 -8.77 14.11
CA ILE A 108 -16.66 -8.70 13.11
C ILE A 108 -15.36 -8.38 13.82
N SER A 109 -14.30 -9.13 13.52
CA SER A 109 -13.02 -8.91 14.17
C SER A 109 -12.21 -7.85 13.46
N LEU A 110 -11.22 -7.34 14.17
CA LEU A 110 -10.27 -6.41 13.56
C LEU A 110 -9.50 -7.11 12.45
N LEU A 111 -9.13 -8.38 12.62
CA LEU A 111 -8.46 -9.12 11.55
C LEU A 111 -9.30 -9.18 10.31
N ASP A 112 -10.59 -9.45 10.47
CA ASP A 112 -11.50 -9.48 9.31
C ASP A 112 -11.48 -8.15 8.55
N LEU A 113 -11.54 -7.04 9.27
CA LEU A 113 -11.48 -5.73 8.66
C LEU A 113 -10.16 -5.53 7.93
N ALA A 114 -9.03 -5.85 8.59
CA ALA A 114 -7.72 -5.65 8.03
C ALA A 114 -7.52 -6.40 6.74
N THR A 115 -8.09 -7.59 6.65
CA THR A 115 -7.83 -8.51 5.55
C THR A 115 -9.01 -8.70 4.63
N TYR A 116 -9.97 -7.80 4.71
CA TYR A 116 -11.08 -7.69 3.74
C TYR A 116 -12.02 -8.87 3.78
N THR A 117 -12.17 -9.51 4.92
CA THR A 117 -13.03 -10.68 5.07
C THR A 117 -14.19 -10.44 6.04
N ALA A 118 -14.60 -9.20 6.23
CA ALA A 118 -15.73 -8.90 7.14
C ALA A 118 -17.09 -9.33 6.62
N GLY A 119 -17.20 -9.64 5.34
CA GLY A 119 -18.43 -10.16 4.76
C GLY A 119 -19.04 -9.32 3.69
N GLY A 120 -18.21 -8.67 2.88
CA GLY A 120 -18.71 -7.99 1.67
C GLY A 120 -18.74 -6.49 1.78
N LEU A 121 -18.01 -5.89 2.71
CA LEU A 121 -17.78 -4.45 2.60
C LEU A 121 -17.24 -4.13 1.20
N PRO A 122 -17.76 -3.09 0.53
CA PRO A 122 -17.45 -2.91 -0.89
C PRO A 122 -16.11 -2.26 -1.16
N LEU A 123 -15.71 -2.21 -2.42
CA LEU A 123 -14.45 -1.58 -2.79
C LEU A 123 -14.31 -0.16 -2.26
N GLN A 124 -15.34 0.65 -2.48
CA GLN A 124 -15.35 2.06 -2.09
C GLN A 124 -16.59 2.34 -1.30
N PHE A 125 -16.51 3.37 -0.46
CA PHE A 125 -17.71 3.98 0.11
C PHE A 125 -18.60 4.44 -1.03
N PRO A 126 -19.92 4.36 -0.83
CA PRO A 126 -20.78 4.92 -1.89
C PRO A 126 -20.57 6.44 -2.00
N ASP A 127 -20.88 6.97 -3.18
CA ASP A 127 -20.77 8.43 -3.41
C ASP A 127 -21.56 9.27 -2.40
N SER A 128 -22.63 8.69 -1.87
CA SER A 128 -23.45 9.31 -0.84
C SER A 128 -22.74 9.52 0.50
N VAL A 129 -21.59 8.90 0.72
CA VAL A 129 -20.85 9.10 1.95
C VAL A 129 -19.70 10.06 1.70
N GLN A 130 -19.78 11.24 2.30
CA GLN A 130 -18.73 12.23 2.16
C GLN A 130 -17.72 12.11 3.31
N LYS A 131 -16.68 12.94 3.28
CA LYS A 131 -15.65 12.92 4.31
C LYS A 131 -16.22 13.63 5.52
N ASP A 132 -16.93 12.86 6.32
CA ASP A 132 -17.71 13.41 7.41
C ASP A 132 -17.90 12.29 8.41
N GLN A 133 -17.48 12.55 9.64
CA GLN A 133 -17.53 11.62 10.74
C GLN A 133 -18.93 10.96 10.87
N ALA A 134 -19.96 11.81 10.88
CA ALA A 134 -21.34 11.37 11.03
C ALA A 134 -21.84 10.49 9.90
N GLN A 135 -21.48 10.82 8.67
CA GLN A 135 -21.87 10.00 7.55
C GLN A 135 -21.16 8.65 7.53
N ILE A 136 -19.91 8.63 7.99
CA ILE A 136 -19.11 7.40 8.07
C ILE A 136 -19.70 6.48 9.18
N ARG A 137 -19.94 7.07 10.35
CA ARG A 137 -20.68 6.43 11.47
C ARG A 137 -21.94 5.77 10.97
N ASP A 138 -22.77 6.56 10.27
CA ASP A 138 -24.08 6.08 9.84
C ASP A 138 -23.96 4.98 8.81
N TYR A 139 -22.95 5.06 7.96
CA TYR A 139 -22.70 4.02 6.98
C TYR A 139 -22.44 2.65 7.65
N TYR A 140 -21.52 2.62 8.60
CA TYR A 140 -21.16 1.38 9.24
C TYR A 140 -22.30 0.85 10.11
N ARG A 141 -23.02 1.75 10.79
CA ARG A 141 -24.15 1.33 11.63
CA ARG A 141 -24.13 1.31 11.64
C ARG A 141 -25.22 0.58 10.82
N GLN A 142 -25.43 0.99 9.59
CA GLN A 142 -26.47 0.42 8.76
C GLN A 142 -26.04 -0.78 7.92
N TRP A 143 -24.72 -1.02 7.81
CA TRP A 143 -24.21 -2.08 6.96
C TRP A 143 -24.55 -3.47 7.52
N GLN A 144 -24.81 -4.42 6.62
CA GLN A 144 -25.00 -5.82 6.97
C GLN A 144 -24.13 -6.71 6.09
N PRO A 145 -23.50 -7.76 6.63
CA PRO A 145 -22.71 -8.64 5.78
C PRO A 145 -23.54 -9.37 4.69
N THR A 146 -22.92 -9.56 3.53
CA THR A 146 -23.47 -10.37 2.44
C THR A 146 -23.22 -11.84 2.66
N TYR A 147 -22.13 -12.18 3.32
CA TYR A 147 -21.84 -13.58 3.65
C TYR A 147 -21.10 -13.57 4.97
N ALA A 148 -20.87 -14.75 5.51
CA ALA A 148 -20.30 -14.91 6.81
C ALA A 148 -18.94 -14.22 6.89
N PRO A 149 -18.72 -13.42 7.94
CA PRO A 149 -17.40 -12.95 8.24
C PRO A 149 -16.38 -14.09 8.28
N GLY A 150 -15.21 -13.85 7.73
CA GLY A 150 -14.14 -14.81 7.79
C GLY A 150 -14.12 -15.83 6.66
N SER A 151 -14.98 -15.68 5.66
CA SER A 151 -15.15 -16.68 4.63
C SER A 151 -14.69 -16.22 3.24
N GLN A 152 -14.95 -14.96 2.89
CA GLN A 152 -14.61 -14.48 1.58
C GLN A 152 -13.85 -13.16 1.69
N ARG A 153 -12.84 -13.06 0.85
CA ARG A 153 -12.08 -11.80 0.68
C ARG A 153 -12.75 -10.96 -0.39
N LEU A 154 -13.07 -9.71 -0.06
CA LEU A 154 -13.51 -8.73 -1.04
C LEU A 154 -12.75 -7.44 -0.78
N TYR A 155 -11.80 -7.12 -1.65
CA TYR A 155 -10.93 -5.97 -1.47
C TYR A 155 -11.77 -4.74 -1.20
N SER A 156 -11.44 -3.99 -0.17
CA SER A 156 -12.31 -2.97 0.34
C SER A 156 -11.63 -1.85 1.10
N ASN A 157 -11.80 -0.61 0.62
CA ASN A 157 -11.33 0.56 1.35
C ASN A 157 -12.10 0.79 2.67
N PRO A 158 -13.45 0.74 2.68
CA PRO A 158 -14.15 0.82 3.95
C PRO A 158 -13.68 -0.22 4.97
N SER A 159 -13.28 -1.41 4.52
CA SER A 159 -12.82 -2.45 5.46
C SER A 159 -11.50 -2.12 6.18
N ILE A 160 -10.43 -1.94 5.41
CA ILE A 160 -9.15 -1.67 6.02
C ILE A 160 -9.11 -0.22 6.53
N GLY A 161 -9.86 0.71 5.91
CA GLY A 161 -10.00 2.06 6.45
C GLY A 161 -10.52 2.05 7.87
N LEU A 162 -11.55 1.24 8.12
CA LEU A 162 -12.10 1.14 9.46
C LEU A 162 -11.05 0.52 10.41
N PHE A 163 -10.34 -0.51 9.95
CA PHE A 163 -9.25 -1.07 10.75
C PHE A 163 -8.27 0.00 11.21
N GLY A 164 -7.82 0.84 10.27
CA GLY A 164 -6.91 1.92 10.60
C GLY A 164 -7.50 2.92 11.59
N TYR A 165 -8.74 3.30 11.33
CA TYR A 165 -9.43 4.27 12.18
C TYR A 165 -9.55 3.72 13.59
N LEU A 166 -9.92 2.45 13.73
CA LEU A 166 -10.03 1.83 15.05
C LEU A 166 -8.69 1.69 15.74
N ALA A 167 -7.63 1.40 15.00
CA ALA A 167 -6.29 1.38 15.58
C ALA A 167 -5.95 2.75 16.16
N ALA A 168 -6.23 3.81 15.43
CA ALA A 168 -6.01 5.17 15.94
C ALA A 168 -6.86 5.40 17.21
N ARG A 169 -8.12 5.01 17.19
CA ARG A 169 -8.98 5.16 18.39
C ARG A 169 -8.36 4.45 19.55
N SER A 170 -7.78 3.25 19.34
CA SER A 170 -7.22 2.43 20.40
C SER A 170 -6.02 3.14 21.02
N LEU A 171 -5.34 3.97 20.24
CA LEU A 171 -4.20 4.76 20.69
C LEU A 171 -4.59 6.13 21.26
N GLY A 172 -5.85 6.51 21.13
CA GLY A 172 -6.40 7.72 21.74
C GLY A 172 -6.10 9.00 21.00
N GLN A 173 -5.74 8.90 19.70
CA GLN A 173 -5.46 10.11 18.90
C GLN A 173 -5.97 9.93 17.50
N PRO A 174 -6.16 11.02 16.77
CA PRO A 174 -6.60 10.90 15.37
C PRO A 174 -5.56 10.21 14.51
N PHE A 175 -6.05 9.42 13.56
CA PHE A 175 -5.17 8.69 12.64
C PHE A 175 -4.15 9.60 11.97
N GLU A 176 -4.62 10.72 11.43
CA GLU A 176 -3.77 11.60 10.65
C GLU A 176 -2.65 12.18 11.52
N ARG A 177 -2.99 12.51 12.77
CA ARG A 177 -2.00 13.06 13.70
C ARG A 177 -0.94 12.00 14.04
N LEU A 178 -1.38 10.77 14.34
CA LEU A 178 -0.45 9.70 14.62
C LEU A 178 0.53 9.48 13.48
N MET A 179 0.03 9.51 12.25
CA MET A 179 0.91 9.31 11.09
C MET A 179 1.94 10.39 10.96
N GLU A 180 1.50 11.66 11.06
CA GLU A 180 2.41 12.78 10.91
C GLU A 180 3.39 12.92 12.05
N GLN A 181 2.92 12.73 13.27
CA GLN A 181 3.72 13.05 14.45
C GLN A 181 4.50 11.89 14.96
N GLN A 182 4.06 10.68 14.66
CA GLN A 182 4.75 9.50 15.15
C GLN A 182 5.26 8.55 14.09
N VAL A 183 4.40 8.09 13.20
CA VAL A 183 4.79 7.01 12.25
C VAL A 183 5.82 7.49 11.24
N PHE A 184 5.51 8.57 10.52
CA PHE A 184 6.48 9.05 9.53
C PHE A 184 7.85 9.40 10.16
N PRO A 185 7.88 10.15 11.29
CA PRO A 185 9.19 10.43 11.90
C PRO A 185 9.91 9.17 12.40
N ALA A 186 9.19 8.20 12.96
CA ALA A 186 9.82 6.94 13.38
C ALA A 186 10.48 6.17 12.22
N LEU A 187 9.91 6.27 11.02
CA LEU A 187 10.43 5.62 9.81
C LEU A 187 11.47 6.49 9.08
N GLY A 188 11.71 7.70 9.58
CA GLY A 188 12.70 8.62 8.99
C GLY A 188 12.25 9.28 7.69
N LEU A 189 10.94 9.48 7.57
CA LEU A 189 10.31 9.92 6.32
C LEU A 189 9.94 11.39 6.43
N GLU A 190 10.70 12.24 5.77
CA GLU A 190 10.45 13.68 5.77
C GLU A 190 9.90 14.17 4.44
N GLN A 191 9.71 13.27 3.47
CA GLN A 191 9.11 13.62 2.20
C GLN A 191 7.84 12.80 1.98
N THR A 192 7.13 12.50 3.06
CA THR A 192 5.96 11.65 3.03
C THR A 192 4.82 12.34 3.76
N HIS A 193 3.68 12.51 3.10
CA HIS A 193 2.63 13.38 3.61
C HIS A 193 1.25 12.82 3.41
N LEU A 194 0.33 13.10 4.33
CA LEU A 194 -1.08 12.97 4.09
C LEU A 194 -1.64 14.23 3.48
N ASP A 195 -1.10 15.37 3.90
CA ASP A 195 -1.59 16.67 3.48
C ASP A 195 -0.33 17.47 3.12
N VAL A 196 -0.05 17.57 1.83
CA VAL A 196 1.25 18.09 1.41
C VAL A 196 1.39 19.57 1.86
N PRO A 197 2.49 19.90 2.56
CA PRO A 197 2.67 21.31 3.01
C PRO A 197 2.72 22.23 1.81
N GLU A 198 2.20 23.44 1.95
CA GLU A 198 2.34 24.45 0.92
C GLU A 198 3.76 24.62 0.41
N ALA A 199 4.75 24.57 1.29
CA ALA A 199 6.17 24.71 0.94
C ALA A 199 6.72 23.58 0.08
N ALA A 200 6.04 22.42 0.07
CA ALA A 200 6.44 21.26 -0.72
C ALA A 200 5.59 21.08 -1.99
N LEU A 201 4.61 21.94 -2.24
CA LEU A 201 3.69 21.77 -3.38
C LEU A 201 4.40 21.76 -4.72
N ALA A 202 5.53 22.43 -4.84
CA ALA A 202 6.31 22.44 -6.08
C ALA A 202 6.80 21.07 -6.46
N GLN A 203 6.91 20.19 -5.47
CA GLN A 203 7.33 18.79 -5.71
C GLN A 203 6.19 17.89 -6.09
N TYR A 204 4.93 18.32 -6.00
CA TYR A 204 3.77 17.43 -6.19
C TYR A 204 3.50 17.31 -7.68
N ALA A 205 3.73 16.10 -8.21
CA ALA A 205 3.47 15.84 -9.61
C ALA A 205 2.01 16.07 -9.95
N GLN A 206 1.75 16.39 -11.21
CA GLN A 206 0.42 16.38 -11.72
C GLN A 206 0.04 14.94 -12.04
N GLY A 207 -1.23 14.56 -11.81
CA GLY A 207 -1.77 13.30 -12.31
C GLY A 207 -2.54 13.49 -13.59
N TYR A 208 -2.56 12.46 -14.42
CA TYR A 208 -3.21 12.53 -15.73
C TYR A 208 -4.18 11.40 -15.96
N GLY A 209 -5.39 11.74 -16.39
CA GLY A 209 -6.42 10.75 -16.76
C GLY A 209 -6.72 10.71 -18.24
N LYS A 210 -7.97 10.34 -18.55
CA LYS A 210 -8.49 10.31 -19.93
C LYS A 210 -8.41 11.69 -20.56
N ASP A 211 -7.99 11.71 -21.82
CA ASP A 211 -7.71 12.94 -22.56
C ASP A 211 -6.73 13.85 -21.81
N ASP A 212 -5.85 13.24 -21.00
CA ASP A 212 -4.91 13.96 -20.17
C ASP A 212 -5.52 15.04 -19.26
N ARG A 213 -6.73 14.82 -18.76
CA ARG A 213 -7.28 15.75 -17.78
C ARG A 213 -6.40 15.66 -16.52
N PRO A 214 -6.16 16.79 -15.86
CA PRO A 214 -5.33 16.82 -14.67
C PRO A 214 -6.13 16.31 -13.49
N LEU A 215 -5.50 15.47 -12.69
CA LEU A 215 -6.19 14.79 -11.61
C LEU A 215 -5.30 14.62 -10.41
N ARG A 216 -5.65 15.32 -9.34
CA ARG A 216 -5.07 15.10 -8.01
C ARG A 216 -6.20 14.68 -7.09
N VAL A 217 -5.87 13.89 -6.10
CA VAL A 217 -6.88 13.24 -5.28
C VAL A 217 -7.55 14.24 -4.38
N GLY A 218 -8.88 14.15 -4.34
CA GLY A 218 -9.66 14.99 -3.44
C GLY A 218 -10.04 14.28 -2.16
N PRO A 219 -10.62 15.04 -1.23
CA PRO A 219 -11.02 14.51 0.05
C PRO A 219 -12.10 13.45 -0.10
N GLY A 220 -12.01 12.42 0.74
CA GLY A 220 -13.02 11.40 0.78
C GLY A 220 -13.01 10.70 2.12
N PRO A 221 -14.05 9.93 2.40
CA PRO A 221 -14.14 9.24 3.68
C PRO A 221 -13.03 8.20 3.89
N LEU A 222 -12.39 8.30 5.04
CA LEU A 222 -11.24 7.47 5.40
C LEU A 222 -10.17 7.48 4.30
N ASP A 223 -9.99 8.63 3.69
CA ASP A 223 -8.95 8.78 2.67
C ASP A 223 -7.55 8.57 3.23
N ALA A 224 -7.27 9.09 4.41
CA ALA A 224 -5.95 8.98 4.98
C ALA A 224 -5.57 7.52 5.17
N GLU A 225 -6.51 6.77 5.72
CA GLU A 225 -6.31 5.34 6.00
C GLU A 225 -6.18 4.49 4.74
N GLY A 226 -6.95 4.82 3.72
CA GLY A 226 -7.03 3.98 2.55
C GLY A 226 -6.09 4.30 1.43
N TYR A 227 -5.90 5.59 1.18
CA TYR A 227 -5.21 5.97 -0.04
C TYR A 227 -4.61 7.35 0.01
N GLY A 228 -4.32 7.86 1.19
CA GLY A 228 -3.99 9.28 1.36
C GLY A 228 -2.56 9.71 1.17
N VAL A 229 -1.61 8.79 1.12
CA VAL A 229 -0.20 9.15 1.18
C VAL A 229 0.31 9.71 -0.15
N LYS A 230 1.03 10.82 -0.07
CA LYS A 230 1.87 11.34 -1.17
C LYS A 230 3.30 11.24 -0.71
N THR A 231 4.18 10.66 -1.52
CA THR A 231 5.57 10.48 -1.15
C THR A 231 6.45 10.45 -2.39
N SER A 232 7.74 10.56 -2.16
CA SER A 232 8.70 10.46 -3.23
C SER A 232 9.21 9.04 -3.39
N ALA A 233 9.81 8.74 -4.52
CA ALA A 233 10.40 7.43 -4.70
C ALA A 233 11.49 7.17 -3.67
N ALA A 234 12.27 8.20 -3.34
CA ALA A 234 13.34 8.04 -2.35
C ALA A 234 12.73 7.70 -0.97
N ASP A 235 11.69 8.42 -0.54
CA ASP A 235 11.08 8.10 0.76
C ASP A 235 10.42 6.74 0.73
N LEU A 236 9.72 6.41 -0.34
CA LEU A 236 9.06 5.10 -0.37
C LEU A 236 10.08 3.95 -0.33
N LEU A 237 11.23 4.15 -0.96
CA LEU A 237 12.29 3.15 -0.83
C LEU A 237 12.82 3.07 0.59
N ARG A 238 12.92 4.21 1.30
CA ARG A 238 13.30 4.17 2.71
CA ARG A 238 13.30 4.18 2.71
C ARG A 238 12.30 3.31 3.50
N PHE A 239 11.01 3.44 3.20
CA PHE A 239 10.03 2.60 3.84
C PHE A 239 10.21 1.12 3.47
N VAL A 240 10.51 0.83 2.20
CA VAL A 240 10.83 -0.52 1.81
C VAL A 240 12.03 -1.06 2.57
N ASP A 241 13.05 -0.23 2.72
CA ASP A 241 14.26 -0.65 3.46
C ASP A 241 13.94 -0.90 4.91
N ALA A 242 13.07 -0.10 5.52
CA ALA A 242 12.61 -0.39 6.87
C ALA A 242 11.90 -1.76 6.94
N ASN A 243 11.11 -2.09 5.91
CA ASN A 243 10.51 -3.41 5.83
C ASN A 243 11.50 -4.54 5.65
N LEU A 244 12.56 -4.30 4.92
CA LEU A 244 13.63 -5.28 4.72
C LEU A 244 14.46 -5.45 5.99
N HIS A 245 14.56 -4.41 6.81
CA HIS A 245 15.41 -4.40 8.00
C HIS A 245 14.72 -3.74 9.19
N PRO A 246 13.65 -4.35 9.70
CA PRO A 246 12.95 -3.72 10.86
C PRO A 246 13.86 -3.58 12.05
N GLU A 247 14.85 -4.45 12.18
CA GLU A 247 15.83 -4.40 13.29
C GLU A 247 16.66 -3.14 13.34
N ARG A 248 16.66 -2.35 12.28
CA ARG A 248 17.35 -1.04 12.28
C ARG A 248 16.51 0.07 12.93
N LEU A 249 15.26 -0.22 13.25
CA LEU A 249 14.42 0.74 13.95
C LEU A 249 14.40 0.45 15.44
N ASP A 250 14.06 1.48 16.21
CA ASP A 250 13.81 1.30 17.64
C ASP A 250 12.74 0.20 17.84
N ARG A 251 12.88 -0.64 18.85
CA ARG A 251 12.11 -1.90 18.95
C ARG A 251 10.57 -1.80 18.82
N PRO A 252 9.95 -0.75 19.39
CA PRO A 252 8.51 -0.61 19.22
C PRO A 252 8.08 -0.50 17.75
N TRP A 253 8.89 0.18 16.97
CA TRP A 253 8.61 0.31 15.51
C TRP A 253 9.06 -0.89 14.73
N ALA A 254 10.15 -1.54 15.16
CA ALA A 254 10.54 -2.78 14.56
C ALA A 254 9.41 -3.82 14.66
N GLN A 255 8.79 -3.92 15.84
CA GLN A 255 7.71 -4.85 16.10
C GLN A 255 6.51 -4.51 15.24
N ALA A 256 6.24 -3.21 15.12
CA ALA A 256 5.12 -2.73 14.29
C ALA A 256 5.28 -3.19 12.84
N LEU A 257 6.46 -3.01 12.27
CA LEU A 257 6.75 -3.49 10.91
C LEU A 257 6.64 -4.99 10.82
N ASP A 258 7.23 -5.72 11.78
CA ASP A 258 7.12 -7.19 11.80
C ASP A 258 5.67 -7.68 11.74
N ALA A 259 4.77 -6.95 12.39
CA ALA A 259 3.36 -7.33 12.42
C ALA A 259 2.70 -7.27 11.02
N THR A 260 3.29 -6.53 10.09
CA THR A 260 2.80 -6.49 8.70
C THR A 260 3.42 -7.59 7.82
N HIS A 261 4.24 -8.45 8.43
CA HIS A 261 4.91 -9.54 7.70
C HIS A 261 4.40 -10.89 8.19
N ARG A 262 3.10 -10.99 8.45
CA ARG A 262 2.47 -12.19 8.93
C ARG A 262 1.29 -12.52 8.03
N GLY A 263 1.25 -13.72 7.48
CA GLY A 263 0.14 -14.11 6.58
C GLY A 263 -0.94 -14.87 7.30
N TYR A 264 -2.20 -14.61 6.95
CA TYR A 264 -3.34 -15.19 7.65
C TYR A 264 -4.13 -16.20 6.82
N TYR A 265 -4.13 -16.06 5.53
CA TYR A 265 -4.87 -16.92 4.62
C TYR A 265 -4.31 -16.81 3.22
N LYS A 266 -4.69 -17.74 2.34
CA LYS A 266 -4.32 -17.68 0.95
C LYS A 266 -5.54 -17.58 0.07
N VAL A 267 -5.37 -16.88 -1.04
CA VAL A 267 -6.30 -16.90 -2.16
C VAL A 267 -5.43 -17.17 -3.37
N GLY A 268 -5.58 -18.35 -3.96
CA GLY A 268 -4.74 -18.71 -5.08
C GLY A 268 -3.28 -18.73 -4.66
N ASP A 269 -2.48 -17.97 -5.41
CA ASP A 269 -1.04 -17.89 -5.14
C ASP A 269 -0.67 -16.85 -4.11
N MET A 270 -1.64 -16.06 -3.67
CA MET A 270 -1.38 -14.90 -2.80
C MET A 270 -1.68 -15.24 -1.34
N THR A 271 -0.75 -14.86 -0.47
CA THR A 271 -0.96 -14.92 0.97
C THR A 271 -1.16 -13.51 1.53
N GLN A 272 -2.25 -13.31 2.26
CA GLN A 272 -2.65 -11.99 2.69
C GLN A 272 -2.07 -11.68 4.05
N GLY A 273 -1.30 -10.60 4.15
CA GLY A 273 -0.86 -10.05 5.42
C GLY A 273 -1.64 -8.80 5.75
N LEU A 274 -1.15 -8.03 6.72
CA LEU A 274 -1.71 -6.70 6.99
C LEU A 274 -1.06 -5.74 6.01
N GLY A 275 -1.88 -5.26 5.06
CA GLY A 275 -1.39 -4.42 3.98
C GLY A 275 -0.71 -5.21 2.88
N TRP A 276 0.42 -5.83 3.18
CA TRP A 276 1.17 -6.55 2.19
C TRP A 276 0.48 -7.83 1.72
N GLU A 277 0.72 -8.16 0.46
CA GLU A 277 0.26 -9.37 -0.19
C GLU A 277 1.49 -10.10 -0.70
N ALA A 278 1.58 -11.41 -0.42
CA ALA A 278 2.82 -12.16 -0.62
C ALA A 278 2.66 -13.33 -1.57
N TYR A 279 3.73 -13.61 -2.31
CA TYR A 279 3.82 -14.72 -3.27
C TYR A 279 5.09 -15.49 -3.01
N ASP A 280 5.12 -16.76 -3.35
CA ASP A 280 6.38 -17.46 -3.39
C ASP A 280 7.26 -16.87 -4.47
N TRP A 281 8.58 -16.94 -4.27
CA TRP A 281 9.50 -16.36 -5.21
C TRP A 281 10.62 -17.35 -5.51
N PRO A 282 10.88 -17.67 -6.77
CA PRO A 282 10.24 -17.13 -7.96
C PRO A 282 8.87 -17.71 -8.26
N ILE A 283 8.11 -16.97 -9.07
CA ILE A 283 6.84 -17.38 -9.64
C ILE A 283 6.80 -16.70 -11.00
N SER A 284 5.94 -17.21 -11.87
CA SER A 284 5.86 -16.67 -13.22
C SER A 284 5.29 -15.24 -13.22
N LEU A 285 5.66 -14.48 -14.23
CA LEU A 285 5.07 -13.14 -14.42
C LEU A 285 3.56 -13.24 -14.56
N LYS A 286 3.07 -14.20 -15.35
CA LYS A 286 1.61 -14.32 -15.49
C LYS A 286 0.90 -14.60 -14.16
N ARG A 287 1.52 -15.37 -13.28
CA ARG A 287 0.88 -15.64 -11.98
C ARG A 287 0.88 -14.41 -11.09
N LEU A 288 1.95 -13.64 -11.17
CA LEU A 288 2.04 -12.41 -10.37
C LEU A 288 1.05 -11.37 -10.91
N GLN A 289 0.89 -11.31 -12.24
CA GLN A 289 -0.13 -10.44 -12.84
C GLN A 289 -1.54 -10.88 -12.43
N ALA A 290 -1.81 -12.19 -12.46
CA ALA A 290 -3.11 -12.68 -12.04
C ALA A 290 -3.44 -12.30 -10.61
N GLY A 291 -2.47 -12.39 -9.71
CA GLY A 291 -2.68 -11.98 -8.33
C GLY A 291 -2.99 -10.51 -8.16
N ASN A 292 -2.52 -9.71 -9.10
CA ASN A 292 -2.74 -8.25 -9.12
C ASN A 292 -3.75 -7.82 -10.18
N SER A 293 -4.67 -8.71 -10.55
CA SER A 293 -5.59 -8.45 -11.63
C SER A 293 -6.87 -7.74 -11.18
N THR A 294 -7.68 -7.32 -12.16
CA THR A 294 -8.93 -6.65 -11.85
C THR A 294 -9.90 -7.55 -11.06
N PRO A 295 -10.00 -8.84 -11.42
CA PRO A 295 -10.90 -9.68 -10.60
C PRO A 295 -10.48 -9.80 -9.13
N MET A 296 -9.17 -9.80 -8.84
CA MET A 296 -8.72 -9.78 -7.45
C MET A 296 -9.10 -8.56 -6.68
N ALA A 297 -9.30 -7.44 -7.38
CA ALA A 297 -9.71 -6.23 -6.74
C ALA A 297 -11.22 -6.09 -6.63
N LEU A 298 -11.97 -6.69 -7.55
CA LEU A 298 -13.41 -6.40 -7.69
C LEU A 298 -14.33 -7.55 -7.34
N GLN A 299 -13.83 -8.77 -7.21
CA GLN A 299 -14.68 -9.93 -6.99
C GLN A 299 -14.35 -10.62 -5.70
N PRO A 300 -15.35 -11.27 -5.06
CA PRO A 300 -15.05 -11.98 -3.82
C PRO A 300 -14.36 -13.29 -4.11
N HIS A 301 -13.47 -13.73 -3.22
CA HIS A 301 -12.82 -15.03 -3.34
C HIS A 301 -12.86 -15.75 -2.02
N ARG A 302 -13.19 -17.05 -2.04
CA ARG A 302 -13.14 -17.89 -0.87
C ARG A 302 -11.68 -17.97 -0.38
N ILE A 303 -11.47 -17.82 0.91
CA ILE A 303 -10.12 -17.92 1.48
C ILE A 303 -9.77 -19.34 1.93
N ALA A 304 -8.48 -19.64 1.95
CA ALA A 304 -7.97 -20.84 2.62
C ALA A 304 -7.16 -20.38 3.83
N ARG A 305 -7.77 -20.50 5.01
CA ARG A 305 -7.18 -20.00 6.23
C ARG A 305 -5.97 -20.84 6.62
N LEU A 306 -4.93 -20.18 7.10
CA LEU A 306 -3.73 -20.90 7.57
C LEU A 306 -3.93 -21.37 9.01
N PRO A 307 -3.31 -22.50 9.38
CA PRO A 307 -3.45 -23.04 10.75
C PRO A 307 -2.89 -22.12 11.83
N ALA A 308 -1.93 -21.29 11.44
CA ALA A 308 -1.42 -20.26 12.30
C ALA A 308 -0.79 -19.21 11.42
N PRO A 309 -0.62 -18.00 11.95
CA PRO A 309 -0.03 -16.95 11.11
C PRO A 309 1.34 -17.35 10.59
N GLN A 310 1.63 -17.01 9.36
CA GLN A 310 2.86 -17.47 8.71
C GLN A 310 3.82 -16.31 8.54
N ALA A 311 5.07 -16.47 8.93
CA ALA A 311 6.08 -15.44 8.70
C ALA A 311 6.28 -15.20 7.23
N LEU A 312 6.19 -13.95 6.80
CA LEU A 312 6.33 -13.61 5.37
C LEU A 312 7.73 -13.10 5.16
N GLU A 313 8.65 -14.06 4.99
CA GLU A 313 10.05 -13.76 4.90
C GLU A 313 10.71 -14.76 3.99
N GLY A 314 12.02 -14.63 3.82
CA GLY A 314 12.74 -15.57 2.96
C GLY A 314 12.40 -15.40 1.50
N GLN A 315 12.20 -16.52 0.81
CA GLN A 315 12.03 -16.50 -0.66
C GLN A 315 10.57 -16.25 -1.03
N ARG A 316 10.18 -15.01 -0.76
CA ARG A 316 8.82 -14.52 -1.01
CA ARG A 316 8.83 -14.53 -1.01
C ARG A 316 8.94 -13.15 -1.61
N LEU A 317 7.95 -12.79 -2.44
CA LEU A 317 7.81 -11.44 -2.91
CA LEU A 317 7.80 -11.43 -2.93
C LEU A 317 6.59 -10.83 -2.23
N LEU A 318 6.80 -9.72 -1.52
CA LEU A 318 5.70 -8.98 -0.85
C LEU A 318 5.46 -7.78 -1.74
N ASN A 319 4.19 -7.47 -2.01
CA ASN A 319 3.90 -6.38 -2.90
C ASN A 319 2.63 -5.66 -2.52
N LYS A 320 2.46 -4.48 -3.12
CA LYS A 320 1.17 -3.79 -3.13
C LYS A 320 1.09 -2.84 -4.29
N THR A 321 -0.06 -2.87 -4.98
CA THR A 321 -0.39 -1.86 -5.97
C THR A 321 -1.16 -0.73 -5.30
N GLY A 322 -1.08 0.45 -5.89
CA GLY A 322 -1.89 1.57 -5.41
C GLY A 322 -2.29 2.45 -6.58
N SER A 323 -3.52 2.93 -6.57
CA SER A 323 -4.02 3.77 -7.65
C SER A 323 -4.89 4.88 -7.11
N THR A 324 -4.80 6.00 -7.78
CA THR A 324 -5.79 7.06 -7.65
C THR A 324 -6.24 7.39 -9.06
N ASN A 325 -7.14 8.37 -9.23
CA ASN A 325 -7.61 8.63 -10.59
C ASN A 325 -6.48 9.04 -11.52
N GLY A 326 -5.47 9.73 -11.01
CA GLY A 326 -4.36 10.21 -11.80
C GLY A 326 -3.01 9.52 -11.67
N PHE A 327 -2.90 8.51 -10.78
CA PHE A 327 -1.59 7.94 -10.42
C PHE A 327 -1.66 6.42 -10.33
N GLY A 328 -0.50 5.79 -10.54
CA GLY A 328 -0.35 4.36 -10.42
C GLY A 328 1.00 4.02 -9.85
N ALA A 329 0.95 3.36 -8.72
CA ALA A 329 2.12 2.95 -7.94
C ALA A 329 2.21 1.45 -7.80
N TYR A 330 3.43 0.99 -7.55
CA TYR A 330 3.69 -0.44 -7.24
C TYR A 330 4.92 -0.54 -6.41
N VAL A 331 4.84 -1.35 -5.37
CA VAL A 331 6.00 -1.63 -4.55
C VAL A 331 6.13 -3.14 -4.40
N ALA A 332 7.37 -3.61 -4.42
CA ALA A 332 7.67 -5.05 -4.24
C ALA A 332 9.00 -5.23 -3.56
N PHE A 333 9.10 -6.22 -2.69
CA PHE A 333 10.36 -6.53 -2.08
C PHE A 333 10.44 -8.01 -1.79
N VAL A 334 11.70 -8.47 -1.71
CA VAL A 334 12.00 -9.90 -1.52
C VAL A 334 12.87 -9.95 -0.26
N PRO A 335 12.27 -10.25 0.90
CA PRO A 335 13.01 -10.22 2.16
C PRO A 335 14.30 -11.03 2.14
N GLY A 336 14.24 -12.23 1.57
CA GLY A 336 15.40 -13.13 1.59
C GLY A 336 16.53 -12.75 0.69
N ARG A 337 16.32 -11.78 -0.20
CA ARG A 337 17.32 -11.32 -1.15
CA ARG A 337 17.34 -11.33 -1.12
C ARG A 337 17.77 -9.88 -0.87
N ASP A 338 17.23 -9.25 0.18
CA ASP A 338 17.56 -7.88 0.53
C ASP A 338 17.40 -6.96 -0.69
N LEU A 339 16.25 -7.11 -1.32
CA LEU A 339 15.97 -6.48 -2.59
C LEU A 339 14.61 -5.81 -2.51
N GLY A 340 14.54 -4.56 -2.93
CA GLY A 340 13.25 -3.84 -2.94
C GLY A 340 13.16 -2.91 -4.11
N LEU A 341 11.94 -2.65 -4.55
CA LEU A 341 11.71 -1.69 -5.62
C LEU A 341 10.40 -0.97 -5.51
N VAL A 342 10.46 0.24 -6.04
CA VAL A 342 9.34 1.16 -6.05
C VAL A 342 9.20 1.70 -7.47
N ILE A 343 7.97 1.75 -7.96
CA ILE A 343 7.69 2.27 -9.31
C ILE A 343 6.50 3.21 -9.16
N LEU A 344 6.72 4.51 -9.32
CA LEU A 344 5.66 5.52 -9.13
C LEU A 344 5.42 6.26 -10.43
N ALA A 345 4.18 6.33 -10.88
CA ALA A 345 3.83 7.03 -12.12
C ALA A 345 2.69 7.98 -11.91
N ASN A 346 2.62 8.98 -12.80
CA ASN A 346 1.51 9.95 -12.81
C ASN A 346 0.49 9.69 -13.90
N ARG A 347 0.25 8.42 -14.16
CA ARG A 347 -0.97 7.92 -14.80
C ARG A 347 -1.40 6.65 -14.08
N ASN A 348 -2.69 6.45 -13.91
CA ASN A 348 -3.25 5.18 -13.45
C ASN A 348 -3.26 4.23 -14.65
N TYR A 349 -2.19 3.45 -14.78
CA TYR A 349 -2.00 2.53 -15.92
C TYR A 349 -2.18 1.12 -15.39
N PRO A 350 -2.47 0.13 -16.22
CA PRO A 350 -2.88 -1.18 -15.70
C PRO A 350 -1.89 -1.84 -14.79
N ASN A 351 -2.42 -2.49 -13.75
CA ASN A 351 -1.55 -3.19 -12.80
C ASN A 351 -0.63 -4.15 -13.50
N ALA A 352 -1.13 -4.84 -14.53
CA ALA A 352 -0.30 -5.83 -15.21
C ALA A 352 0.99 -5.24 -15.79
N GLU A 353 0.90 -3.99 -16.24
CA GLU A 353 2.03 -3.28 -16.81
C GLU A 353 3.02 -2.86 -15.73
N ARG A 354 2.51 -2.50 -14.55
CA ARG A 354 3.39 -2.18 -13.42
C ARG A 354 4.21 -3.38 -13.03
N VAL A 355 3.53 -4.52 -12.93
CA VAL A 355 4.15 -5.78 -12.57
C VAL A 355 5.16 -6.19 -13.64
N LYS A 356 4.85 -5.95 -14.90
CA LYS A 356 5.78 -6.25 -16.01
C LYS A 356 7.09 -5.47 -15.88
N ILE A 357 7.04 -4.19 -15.49
CA ILE A 357 8.26 -3.44 -15.29
C ILE A 357 9.05 -4.08 -14.15
N ALA A 358 8.38 -4.33 -13.03
CA ALA A 358 9.07 -4.88 -11.87
C ALA A 358 9.69 -6.20 -12.17
N TYR A 359 8.95 -7.04 -12.86
CA TYR A 359 9.42 -8.40 -13.14
C TYR A 359 10.62 -8.38 -14.06
N ALA A 360 10.63 -7.47 -15.02
CA ALA A 360 11.77 -7.34 -15.91
C ALA A 360 12.99 -6.91 -15.14
N ILE A 361 12.84 -6.01 -14.20
CA ILE A 361 13.96 -5.58 -13.39
C ILE A 361 14.43 -6.73 -12.52
N LEU A 362 13.52 -7.40 -11.82
CA LEU A 362 13.90 -8.50 -10.93
C LEU A 362 14.58 -9.62 -11.71
N SER A 363 14.04 -9.93 -12.88
CA SER A 363 14.62 -10.98 -13.78
C SER A 363 16.02 -10.63 -14.21
N GLY A 364 16.22 -9.38 -14.61
CA GLY A 364 17.52 -8.92 -15.04
C GLY A 364 18.52 -8.98 -13.93
N LEU A 365 18.12 -8.64 -12.72
CA LEU A 365 19.03 -8.72 -11.57
C LEU A 365 19.40 -10.18 -11.25
N GLU A 366 18.49 -11.10 -11.50
CA GLU A 366 18.79 -12.53 -11.34
C GLU A 366 19.74 -13.00 -12.45
N GLN A 367 19.36 -12.72 -13.71
CA GLN A 367 20.12 -13.17 -14.88
C GLN A 367 21.31 -12.26 -15.20
#